data_6BRW
#
_entry.id   6BRW
#
_cell.length_a   44.386
_cell.length_b   57.147
_cell.length_c   60.398
_cell.angle_alpha   90.00
_cell.angle_beta   110.24
_cell.angle_gamma   90.00
#
_symmetry.space_group_name_H-M   'P 1 21 1'
#
loop_
_entity.id
_entity.type
_entity.pdbx_description
1 polymer 'Tyrosine-protein kinase JAK2'
2 non-polymer 4-[(5,10-dimethyl-6-oxo-6,10-dihydro-5H-pyrimido[5,4-b]thieno[3,2-e][1,4]diazepin-2-yl)amino]benzenesulfonamide
3 non-polymer GLYCEROL
4 non-polymer 'ACETATE ION'
5 water water
#
_entity_poly.entity_id   1
_entity_poly.type   'polypeptide(L)'
_entity_poly.pdbx_seq_one_letter_code
;VFHKIRNEDLIFNESLGQGTFTKIFKGVRREVGDYGQLHETEVLLKVLDKAHRNYSESFFEAASMMSKLSHKHLVLNYGV
CVCGDENILVQEFVKFGSLDTYLKKNKNCINILWKLEVAKQLAAAMHFLEENTLIHGNVCAKNILLIREEDRKTGNPPFI
KLSDPGISITVLPKDILQERIPWVPPECIENPKNLNLATDKWSFGTTLWEICSGGDKPLSALDSQRKLQFYEDRHQLPAP
KAAELANLINNCMDYEPDHRPSFRAIIRDLNSLFTPDLVPRGSHHHHHH
;
_entity_poly.pdbx_strand_id   A
#
# COMPACT_ATOMS: atom_id res chain seq x y z
N PHE A 2 18.63 -9.55 -3.16
CA PHE A 2 18.74 -8.14 -2.79
C PHE A 2 20.18 -7.65 -2.78
N HIS A 3 20.35 -6.36 -3.03
CA HIS A 3 21.65 -5.73 -2.86
C HIS A 3 21.92 -5.49 -1.38
N LYS A 4 23.09 -5.91 -0.91
CA LYS A 4 23.45 -5.78 0.50
C LYS A 4 24.12 -4.42 0.72
N ILE A 5 23.57 -3.63 1.64
CA ILE A 5 24.07 -2.30 1.94
C ILE A 5 24.75 -2.35 3.31
N ARG A 6 25.95 -1.77 3.37
CA ARG A 6 26.71 -1.77 4.62
C ARG A 6 26.05 -0.85 5.64
N ASN A 7 26.09 -1.27 6.90
CA ASN A 7 25.57 -0.43 7.99
C ASN A 7 26.26 0.93 8.01
N GLU A 8 27.58 0.94 7.76
CA GLU A 8 28.33 2.20 7.77
C GLU A 8 27.81 3.19 6.73
N ASP A 9 27.21 2.68 5.65
CA ASP A 9 26.69 3.54 4.60
C ASP A 9 25.28 4.05 4.89
N LEU A 10 24.63 3.59 5.96
CA LEU A 10 23.27 4.01 6.31
C LEU A 10 23.30 4.84 7.59
N ILE A 11 22.51 5.92 7.60
CA ILE A 11 22.40 6.82 8.74
C ILE A 11 20.92 6.97 9.04
N PHE A 12 20.51 6.53 10.23
CA PHE A 12 19.12 6.61 10.64
C PHE A 12 18.79 8.02 11.12
N ASN A 13 17.64 8.54 10.66
CA ASN A 13 17.16 9.82 11.14
C ASN A 13 15.76 9.67 11.74
N GLU A 14 14.88 10.63 11.48
CA GLU A 14 13.63 10.73 12.21
C GLU A 14 12.70 9.55 11.92
N SER A 15 12.02 9.10 12.97
CA SER A 15 10.98 8.10 12.82
C SER A 15 9.83 8.64 11.99
N LEU A 16 9.40 7.86 11.00
CA LEU A 16 8.26 8.19 10.18
C LEU A 16 7.08 7.26 10.46
N GLY A 17 7.02 6.69 11.65
CA GLY A 17 5.89 5.86 12.03
C GLY A 17 6.24 4.38 12.05
N GLN A 18 5.20 3.56 11.89
CA GLN A 18 5.33 2.12 12.07
C GLN A 18 4.51 1.40 11.03
N GLY A 19 4.88 0.14 10.80
CA GLY A 19 4.05 -0.79 10.08
C GLY A 19 3.77 -1.96 11.01
N THR A 20 3.29 -3.06 10.47
CA THR A 20 3.04 -4.24 11.30
C THR A 20 4.37 -4.89 11.64
N PHE A 21 4.72 -4.85 12.93
CA PHE A 21 5.95 -5.43 13.49
C PHE A 21 7.21 -4.70 13.02
N THR A 22 7.08 -3.44 12.62
CA THR A 22 8.20 -2.71 12.06
C THR A 22 8.16 -1.25 12.50
N LYS A 23 9.35 -0.67 12.58
CA LYS A 23 9.51 0.76 12.76
C LYS A 23 10.07 1.35 11.47
N ILE A 24 9.58 2.53 11.10
CA ILE A 24 9.96 3.16 9.85
C ILE A 24 10.70 4.45 10.15
N PHE A 25 11.76 4.72 9.40
CA PHE A 25 12.60 5.89 9.64
C PHE A 25 13.02 6.52 8.32
N LYS A 26 13.23 7.83 8.35
CA LYS A 26 13.98 8.45 7.28
C LYS A 26 15.47 8.23 7.51
N GLY A 27 16.22 8.09 6.41
CA GLY A 27 17.63 7.80 6.53
C GLY A 27 18.39 8.41 5.37
N VAL A 28 19.70 8.25 5.45
CA VAL A 28 20.62 8.75 4.44
C VAL A 28 21.57 7.62 4.07
N ARG A 29 21.75 7.40 2.77
CA ARG A 29 22.68 6.40 2.27
C ARG A 29 23.77 7.10 1.49
N ARG A 30 25.01 6.98 1.97
CA ARG A 30 26.17 7.42 1.20
C ARG A 30 26.47 6.36 0.14
N GLU A 31 26.68 6.79 -1.09
CA GLU A 31 26.86 5.82 -2.16
C GLU A 31 27.68 6.42 -3.28
N VAL A 32 28.38 5.55 -4.01
CA VAL A 32 28.94 5.92 -5.31
C VAL A 32 27.82 5.83 -6.34
N GLY A 33 27.47 6.96 -6.93
CA GLY A 33 26.40 7.04 -7.88
C GLY A 33 26.88 6.91 -9.30
N ASP A 34 26.06 7.38 -10.24
CA ASP A 34 26.44 7.37 -11.64
C ASP A 34 27.70 8.22 -11.84
N TYR A 35 28.52 7.79 -12.80
CA TYR A 35 29.79 8.42 -13.13
C TYR A 35 30.78 8.45 -11.96
N GLY A 36 30.52 7.67 -10.91
CA GLY A 36 31.46 7.57 -9.81
C GLY A 36 31.41 8.69 -8.81
N GLN A 37 30.42 9.57 -8.88
CA GLN A 37 30.32 10.68 -7.96
C GLN A 37 29.66 10.23 -6.66
N LEU A 38 30.21 10.69 -5.54
CA LEU A 38 29.63 10.38 -4.23
C LEU A 38 28.36 11.17 -4.00
N HIS A 39 27.33 10.50 -3.48
CA HIS A 39 26.06 11.13 -3.15
C HIS A 39 25.63 10.69 -1.76
N GLU A 40 24.88 11.56 -1.11
CA GLU A 40 24.08 11.19 0.06
C GLU A 40 22.64 11.21 -0.38
N THR A 41 22.03 10.03 -0.47
CA THR A 41 20.68 9.87 -0.97
C THR A 41 19.71 9.68 0.19
N GLU A 42 18.58 10.38 0.15
CA GLU A 42 17.53 10.12 1.13
C GLU A 42 16.94 8.75 0.88
N VAL A 43 16.74 7.98 1.95
CA VAL A 43 16.17 6.66 1.86
C VAL A 43 15.12 6.48 2.95
N LEU A 44 14.25 5.50 2.75
CA LEU A 44 13.31 5.04 3.75
C LEU A 44 13.81 3.72 4.31
N LEU A 45 13.82 3.61 5.63
CA LEU A 45 14.37 2.45 6.32
C LEU A 45 13.24 1.78 7.09
N LYS A 46 13.02 0.50 6.81
CA LYS A 46 12.03 -0.29 7.52
C LYS A 46 12.78 -1.33 8.35
N VAL A 47 12.59 -1.28 9.66
CA VAL A 47 13.28 -2.14 10.60
C VAL A 47 12.26 -3.11 11.16
N LEU A 48 12.48 -4.39 10.93
CA LEU A 48 11.68 -5.42 11.58
C LEU A 48 11.98 -5.42 13.08
N ASP A 49 10.93 -5.44 13.89
CA ASP A 49 11.09 -5.48 15.33
C ASP A 49 11.86 -6.73 15.75
N LYS A 50 12.87 -6.54 16.60
CA LYS A 50 13.65 -7.68 17.08
C LYS A 50 12.75 -8.74 17.72
N ALA A 51 11.78 -8.31 18.54
CA ALA A 51 10.84 -9.25 19.14
C ALA A 51 10.06 -10.05 18.10
N HIS A 52 9.96 -9.54 16.87
CA HIS A 52 9.28 -10.24 15.79
C HIS A 52 10.25 -10.70 14.70
N ARG A 53 11.54 -10.86 15.05
CA ARG A 53 12.54 -11.32 14.08
C ARG A 53 12.14 -12.61 13.37
N ASN A 54 11.25 -13.41 13.96
CA ASN A 54 10.80 -14.65 13.35
C ASN A 54 10.06 -14.42 12.04
N TYR A 55 9.61 -13.19 11.79
CA TYR A 55 8.94 -12.85 10.54
C TYR A 55 9.91 -12.40 9.46
N SER A 56 11.22 -12.51 9.72
CA SER A 56 12.24 -12.00 8.80
C SER A 56 11.96 -12.40 7.37
N GLU A 57 11.88 -13.71 7.12
CA GLU A 57 11.59 -14.24 5.79
C GLU A 57 10.41 -13.48 5.17
N SER A 58 9.25 -13.53 5.83
CA SER A 58 8.07 -12.87 5.27
C SER A 58 8.37 -11.40 5.02
N PHE A 59 8.93 -10.72 6.03
CA PHE A 59 9.33 -9.32 5.91
C PHE A 59 10.08 -9.06 4.62
N PHE A 60 11.09 -9.89 4.32
CA PHE A 60 11.87 -9.61 3.12
C PHE A 60 11.14 -10.08 1.86
N GLU A 61 10.42 -11.20 1.96
CA GLU A 61 9.72 -11.73 0.80
C GLU A 61 8.79 -10.69 0.20
N ALA A 62 8.03 -10.00 1.06
CA ALA A 62 7.17 -8.91 0.59
C ALA A 62 7.92 -8.00 -0.35
N ALA A 63 9.01 -7.40 0.15
CA ALA A 63 9.77 -6.47 -0.69
C ALA A 63 10.41 -7.18 -1.86
N SER A 64 10.86 -8.43 -1.65
CA SER A 64 11.43 -9.18 -2.75
C SER A 64 10.43 -9.30 -3.88
N MET A 65 9.15 -9.50 -3.53
CA MET A 65 8.10 -9.61 -4.54
C MET A 65 8.05 -8.35 -5.39
N MET A 66 8.25 -7.18 -4.78
CA MET A 66 8.20 -5.95 -5.55
C MET A 66 9.46 -5.73 -6.36
N SER A 67 10.59 -6.32 -5.93
CA SER A 67 11.87 -6.01 -6.57
C SER A 67 12.08 -6.74 -7.88
N LYS A 68 11.45 -7.90 -8.05
CA LYS A 68 11.61 -8.67 -9.28
C LYS A 68 10.84 -8.08 -10.45
N LEU A 69 9.97 -7.10 -10.23
CA LEU A 69 9.31 -6.36 -11.28
C LEU A 69 9.68 -4.89 -11.20
N SER A 70 9.73 -4.23 -12.35
CA SER A 70 10.03 -2.80 -12.43
C SER A 70 8.85 -2.09 -13.08
N HIS A 71 8.41 -1.00 -12.46
CA HIS A 71 7.24 -0.30 -12.96
C HIS A 71 7.18 1.09 -12.36
N LYS A 72 6.71 2.07 -13.15
CA LYS A 72 6.71 3.46 -12.72
C LYS A 72 5.89 3.70 -11.46
N HIS A 73 4.90 2.84 -11.18
CA HIS A 73 4.03 3.01 -10.04
C HIS A 73 4.36 2.09 -8.87
N LEU A 74 5.50 1.41 -8.92
CA LEU A 74 5.97 0.56 -7.84
C LEU A 74 7.19 1.20 -7.20
N VAL A 75 7.19 1.23 -5.86
CA VAL A 75 8.30 1.82 -5.11
CA VAL A 75 8.30 1.82 -5.12
C VAL A 75 9.58 1.02 -5.35
N LEU A 76 10.70 1.73 -5.38
CA LEU A 76 11.99 1.13 -5.63
C LEU A 76 12.60 0.61 -4.34
N ASN A 77 13.13 -0.61 -4.38
CA ASN A 77 13.91 -1.16 -3.29
C ASN A 77 15.38 -0.98 -3.63
N TYR A 78 16.12 -0.34 -2.72
CA TYR A 78 17.57 -0.23 -2.85
C TYR A 78 18.29 -1.43 -2.27
N GLY A 79 17.69 -2.09 -1.30
CA GLY A 79 18.29 -3.35 -0.88
C GLY A 79 18.00 -3.62 0.59
N VAL A 80 18.89 -4.37 1.22
CA VAL A 80 18.69 -4.80 2.60
C VAL A 80 19.99 -4.68 3.37
N CYS A 81 19.86 -4.39 4.65
CA CYS A 81 20.96 -4.40 5.60
C CYS A 81 20.56 -5.41 6.68
N VAL A 82 21.19 -6.59 6.62
CA VAL A 82 20.99 -7.60 7.65
C VAL A 82 22.26 -7.82 8.47
N CYS A 83 23.29 -7.00 8.25
CA CYS A 83 24.53 -7.06 9.03
C CYS A 83 24.22 -6.82 10.50
N GLY A 84 24.22 -7.87 11.30
CA GLY A 84 23.92 -7.80 12.71
C GLY A 84 22.56 -8.37 13.04
N ASP A 85 22.09 -8.03 14.24
CA ASP A 85 20.76 -8.46 14.70
C ASP A 85 19.62 -7.79 13.94
N GLU A 86 19.92 -6.75 13.17
CA GLU A 86 18.89 -5.94 12.54
C GLU A 86 18.44 -6.56 11.23
N ASN A 87 17.18 -6.36 10.90
CA ASN A 87 16.63 -6.70 9.60
C ASN A 87 16.10 -5.41 9.01
N ILE A 88 16.88 -4.79 8.12
CA ILE A 88 16.57 -3.48 7.58
C ILE A 88 16.28 -3.59 6.09
N LEU A 89 15.19 -2.96 5.66
CA LEU A 89 14.79 -2.83 4.28
C LEU A 89 15.00 -1.38 3.84
N VAL A 90 15.67 -1.17 2.71
CA VAL A 90 16.07 0.15 2.26
C VAL A 90 15.34 0.42 0.96
N GLN A 91 14.43 1.39 1.00
CA GLN A 91 13.58 1.73 -0.14
C GLN A 91 13.72 3.21 -0.46
N GLU A 92 13.20 3.59 -1.62
CA GLU A 92 13.21 4.99 -2.02
C GLU A 92 12.38 5.82 -1.06
N PHE A 93 12.83 7.04 -0.82
CA PHE A 93 12.12 7.97 0.04
C PHE A 93 11.21 8.82 -0.83
N VAL A 94 9.91 8.65 -0.66
CA VAL A 94 8.90 9.37 -1.43
C VAL A 94 8.56 10.65 -0.67
N LYS A 95 8.61 11.78 -1.38
CA LYS A 95 8.70 13.08 -0.70
C LYS A 95 7.48 13.36 0.17
N PHE A 96 6.28 13.06 -0.33
CA PHE A 96 5.09 13.54 0.33
C PHE A 96 4.40 12.47 1.18
N GLY A 97 5.03 11.34 1.38
CA GLY A 97 4.54 10.37 2.34
C GLY A 97 3.33 9.58 1.87
N SER A 98 2.73 8.91 2.85
CA SER A 98 1.64 8.01 2.56
CA SER A 98 1.62 8.01 2.61
C SER A 98 0.37 8.77 2.19
N LEU A 99 -0.45 8.12 1.36
CA LEU A 99 -1.63 8.78 0.82
C LEU A 99 -2.71 9.01 1.88
N ASP A 100 -2.85 8.12 2.86
CA ASP A 100 -3.93 8.31 3.84
C ASP A 100 -3.72 9.60 4.63
N THR A 101 -2.49 9.82 5.08
CA THR A 101 -2.15 11.07 5.76
C THR A 101 -2.37 12.26 4.85
N TYR A 102 -1.90 12.14 3.60
CA TYR A 102 -2.03 13.25 2.66
C TYR A 102 -3.49 13.59 2.41
N LEU A 103 -4.34 12.57 2.30
CA LEU A 103 -5.77 12.78 2.08
C LEU A 103 -6.41 13.47 3.27
N LYS A 104 -5.98 13.11 4.49
CA LYS A 104 -6.48 13.79 5.68
C LYS A 104 -6.08 15.26 5.66
N LYS A 105 -4.78 15.54 5.52
CA LYS A 105 -4.27 16.90 5.68
C LYS A 105 -4.76 17.82 4.56
N ASN A 106 -4.87 17.31 3.34
CA ASN A 106 -5.21 18.14 2.19
C ASN A 106 -6.65 17.98 1.75
N LYS A 107 -7.50 17.40 2.60
CA LYS A 107 -8.87 17.07 2.22
C LYS A 107 -9.62 18.26 1.64
N ASN A 108 -9.43 19.44 2.21
CA ASN A 108 -10.21 20.61 1.82
C ASN A 108 -10.01 20.99 0.35
N CYS A 109 -8.93 20.55 -0.28
CA CYS A 109 -8.68 20.89 -1.68
C CYS A 109 -8.17 19.68 -2.45
N ILE A 110 -8.81 18.53 -2.25
CA ILE A 110 -8.65 17.36 -3.10
C ILE A 110 -10.01 17.11 -3.75
N ASN A 111 -10.09 17.30 -5.07
CA ASN A 111 -11.37 17.24 -5.76
C ASN A 111 -11.54 15.91 -6.49
N ILE A 112 -12.63 15.81 -7.27
CA ILE A 112 -12.98 14.54 -7.89
C ILE A 112 -11.93 14.12 -8.91
N LEU A 113 -11.42 15.08 -9.71
CA LEU A 113 -10.45 14.75 -10.74
C LEU A 113 -9.16 14.21 -10.14
N TRP A 114 -8.70 14.82 -9.03
CA TRP A 114 -7.54 14.31 -8.29
C TRP A 114 -7.76 12.86 -7.85
N LYS A 115 -8.91 12.59 -7.23
CA LYS A 115 -9.24 11.24 -6.80
C LYS A 115 -9.25 10.28 -7.97
N LEU A 116 -9.85 10.68 -9.09
CA LEU A 116 -9.94 9.80 -10.26
C LEU A 116 -8.57 9.51 -10.84
N GLU A 117 -7.69 10.51 -10.87
CA GLU A 117 -6.35 10.31 -11.42
C GLU A 117 -5.56 9.35 -10.54
N VAL A 118 -5.63 9.54 -9.22
CA VAL A 118 -4.92 8.65 -8.29
C VAL A 118 -5.50 7.24 -8.35
N ALA A 119 -6.81 7.12 -8.53
CA ALA A 119 -7.41 5.81 -8.67
C ALA A 119 -6.98 5.14 -9.97
N LYS A 120 -6.88 5.90 -11.06
CA LYS A 120 -6.40 5.34 -12.33
C LYS A 120 -4.97 4.84 -12.20
N GLN A 121 -4.13 5.59 -11.48
CA GLN A 121 -2.74 5.16 -11.31
C GLN A 121 -2.66 3.89 -10.49
N LEU A 122 -3.41 3.83 -9.37
CA LEU A 122 -3.41 2.60 -8.57
C LEU A 122 -3.95 1.43 -9.37
N ALA A 123 -5.05 1.64 -10.11
CA ALA A 123 -5.57 0.61 -10.99
C ALA A 123 -4.53 0.14 -11.99
N ALA A 124 -3.76 1.07 -12.57
CA ALA A 124 -2.75 0.69 -13.55
C ALA A 124 -1.66 -0.17 -12.90
N ALA A 125 -1.26 0.19 -11.68
CA ALA A 125 -0.27 -0.60 -10.96
C ALA A 125 -0.80 -1.99 -10.65
N MET A 126 -2.05 -2.07 -10.18
CA MET A 126 -2.66 -3.37 -9.90
C MET A 126 -2.88 -4.17 -11.17
N HIS A 127 -3.13 -3.51 -12.29
CA HIS A 127 -3.25 -4.23 -13.55
C HIS A 127 -1.90 -4.80 -13.98
N PHE A 128 -0.83 -4.04 -13.72
CA PHE A 128 0.51 -4.57 -13.99
C PHE A 128 0.78 -5.81 -13.14
N LEU A 129 0.41 -5.75 -11.86
CA LEU A 129 0.57 -6.91 -10.98
C LEU A 129 -0.29 -8.08 -11.44
N GLU A 130 -1.55 -7.81 -11.77
CA GLU A 130 -2.46 -8.86 -12.21
C GLU A 130 -1.94 -9.55 -13.47
N GLU A 131 -1.52 -8.75 -14.45
CA GLU A 131 -0.91 -9.30 -15.66
C GLU A 131 0.30 -10.17 -15.33
N ASN A 132 1.03 -9.84 -14.27
CA ASN A 132 2.17 -10.64 -13.87
C ASN A 132 1.80 -11.71 -12.86
N THR A 133 0.51 -11.84 -12.55
CA THR A 133 -0.02 -12.81 -11.58
C THR A 133 0.70 -12.70 -10.23
N LEU A 134 1.00 -11.48 -9.83
CA LEU A 134 1.65 -11.22 -8.56
C LEU A 134 0.60 -10.68 -7.59
N ILE A 135 0.41 -11.39 -6.48
CA ILE A 135 -0.51 -10.95 -5.45
C ILE A 135 0.19 -9.97 -4.55
N HIS A 136 -0.40 -8.78 -4.39
CA HIS A 136 0.16 -7.80 -3.47
C HIS A 136 -0.19 -8.19 -2.03
N GLY A 137 -1.47 -8.23 -1.72
CA GLY A 137 -1.93 -8.74 -0.44
C GLY A 137 -2.16 -7.68 0.61
N ASN A 138 -1.80 -6.42 0.34
CA ASN A 138 -2.06 -5.39 1.34
C ASN A 138 -2.16 -4.02 0.65
N VAL A 139 -3.12 -3.91 -0.26
CA VAL A 139 -3.41 -2.63 -0.90
C VAL A 139 -4.22 -1.81 0.08
N CYS A 140 -3.71 -0.63 0.42
CA CYS A 140 -4.41 0.32 1.30
C CYS A 140 -3.80 1.69 1.07
N ALA A 141 -4.51 2.72 1.52
CA ALA A 141 -4.02 4.07 1.28
C ALA A 141 -2.70 4.32 2.02
N LYS A 142 -2.47 3.66 3.15
CA LYS A 142 -1.20 3.84 3.84
C LYS A 142 -0.05 3.28 3.03
N ASN A 143 -0.31 2.30 2.17
CA ASN A 143 0.74 1.74 1.33
C ASN A 143 0.86 2.44 -0.01
N ILE A 144 0.20 3.57 -0.20
CA ILE A 144 0.34 4.39 -1.39
C ILE A 144 1.11 5.65 -1.02
N LEU A 145 2.15 5.96 -1.79
CA LEU A 145 3.01 7.10 -1.52
C LEU A 145 2.89 8.12 -2.65
N LEU A 146 2.95 9.39 -2.27
CA LEU A 146 2.74 10.49 -3.19
C LEU A 146 4.10 11.08 -3.60
N ILE A 147 4.51 10.78 -4.83
CA ILE A 147 5.79 11.23 -5.37
C ILE A 147 5.76 12.72 -5.66
N ARG A 148 4.70 13.19 -6.31
CA ARG A 148 4.53 14.61 -6.56
C ARG A 148 3.07 14.99 -6.44
N GLU A 149 2.85 16.23 -6.05
CA GLU A 149 1.50 16.75 -5.85
C GLU A 149 0.93 17.25 -7.16
N GLU A 150 -0.38 17.41 -7.17
CA GLU A 150 -1.06 18.06 -8.28
C GLU A 150 -0.62 19.52 -8.38
N ASP A 151 -0.28 19.94 -9.59
CA ASP A 151 0.05 21.33 -9.89
C ASP A 151 -0.90 21.78 -11.00
N ARG A 152 -1.98 22.46 -10.62
CA ARG A 152 -2.93 22.94 -11.62
C ARG A 152 -2.33 24.02 -12.53
N LYS A 153 -1.35 24.78 -12.01
CA LYS A 153 -0.71 25.79 -12.84
C LYS A 153 0.05 25.17 -14.00
N THR A 154 0.54 23.94 -13.82
CA THR A 154 1.20 23.19 -14.88
C THR A 154 0.26 22.26 -15.63
N GLY A 155 -0.85 21.88 -15.01
CA GLY A 155 -1.64 20.77 -15.49
C GLY A 155 -1.15 19.43 -15.00
N ASN A 156 -0.06 19.40 -14.26
CA ASN A 156 0.53 18.15 -13.79
C ASN A 156 -0.44 17.44 -12.84
N PRO A 157 -0.73 16.17 -13.06
CA PRO A 157 -1.51 15.40 -12.09
C PRO A 157 -0.63 14.97 -10.94
N PRO A 158 -1.23 14.53 -9.83
CA PRO A 158 -0.44 13.82 -8.82
C PRO A 158 0.13 12.54 -9.40
N PHE A 159 1.20 12.06 -8.79
CA PHE A 159 1.79 10.79 -9.17
C PHE A 159 2.01 9.98 -7.90
N ILE A 160 1.50 8.75 -7.88
CA ILE A 160 1.61 7.88 -6.73
C ILE A 160 2.39 6.63 -7.10
N LYS A 161 2.96 6.00 -6.07
CA LYS A 161 3.56 4.68 -6.18
C LYS A 161 2.96 3.78 -5.11
N LEU A 162 2.87 2.51 -5.43
CA LEU A 162 2.37 1.51 -4.50
C LEU A 162 3.57 0.88 -3.80
N SER A 163 3.48 0.74 -2.49
CA SER A 163 4.60 0.21 -1.75
C SER A 163 4.43 -1.29 -1.58
N ASP A 164 5.44 -1.94 -1.01
CA ASP A 164 5.35 -3.36 -0.71
C ASP A 164 4.32 -3.60 0.38
N PRO A 165 3.76 -4.81 0.45
CA PRO A 165 2.62 -5.06 1.34
C PRO A 165 3.00 -5.36 2.79
N GLY A 166 4.29 -5.36 3.12
CA GLY A 166 4.71 -5.79 4.44
C GLY A 166 4.47 -7.29 4.64
N ILE A 167 4.59 -7.67 5.92
CA ILE A 167 4.45 -9.08 6.28
C ILE A 167 3.10 -9.61 5.82
N SER A 168 3.11 -10.79 5.21
CA SER A 168 1.92 -11.30 4.53
C SER A 168 0.79 -11.61 5.51
N ILE A 169 -0.45 -11.34 5.11
CA ILE A 169 -1.60 -11.72 5.92
C ILE A 169 -1.70 -13.22 6.07
N THR A 170 -0.98 -13.99 5.24
CA THR A 170 -1.03 -15.44 5.38
C THR A 170 -0.29 -15.93 6.61
N VAL A 171 0.57 -15.10 7.22
CA VAL A 171 1.33 -15.51 8.40
C VAL A 171 1.05 -14.62 9.60
N LEU A 172 0.09 -13.69 9.50
CA LEU A 172 -0.10 -12.78 10.61
C LEU A 172 -1.13 -13.33 11.60
N PRO A 173 -1.03 -12.92 12.87
CA PRO A 173 -2.01 -13.38 13.87
C PRO A 173 -3.41 -12.93 13.51
N LYS A 174 -4.39 -13.76 13.86
CA LYS A 174 -5.76 -13.56 13.40
C LYS A 174 -6.34 -12.25 13.92
N ASP A 175 -5.91 -11.78 15.09
CA ASP A 175 -6.44 -10.52 15.62
C ASP A 175 -5.98 -9.34 14.79
N ILE A 176 -4.74 -9.37 14.31
CA ILE A 176 -4.29 -8.32 13.39
C ILE A 176 -5.07 -8.41 12.07
N LEU A 177 -5.41 -9.62 11.63
CA LEU A 177 -6.21 -9.76 10.41
C LEU A 177 -7.60 -9.18 10.61
N GLN A 178 -8.19 -9.35 11.78
CA GLN A 178 -9.53 -8.83 12.01
C GLN A 178 -9.52 -7.32 12.19
N GLU A 179 -8.46 -6.80 12.83
CA GLU A 179 -8.30 -5.35 12.89
C GLU A 179 -8.21 -4.72 11.49
N ARG A 180 -7.78 -5.48 10.50
CA ARG A 180 -7.59 -4.95 9.15
C ARG A 180 -8.84 -5.08 8.28
N ILE A 181 -9.93 -5.60 8.82
CA ILE A 181 -11.22 -5.47 8.13
C ILE A 181 -11.56 -3.99 8.02
N PRO A 182 -12.01 -3.49 6.86
CA PRO A 182 -12.41 -4.20 5.64
C PRO A 182 -11.38 -4.25 4.51
N TRP A 183 -10.09 -4.05 4.81
CA TRP A 183 -9.09 -4.23 3.76
C TRP A 183 -8.87 -5.71 3.47
N VAL A 184 -8.84 -6.52 4.52
CA VAL A 184 -8.71 -7.97 4.36
C VAL A 184 -10.06 -8.54 3.93
N PRO A 185 -10.12 -9.27 2.83
CA PRO A 185 -11.42 -9.68 2.28
C PRO A 185 -12.06 -10.76 3.13
N PRO A 186 -13.38 -10.93 3.03
CA PRO A 186 -14.07 -11.96 3.82
C PRO A 186 -13.44 -13.33 3.70
N GLU A 187 -13.10 -13.76 2.48
CA GLU A 187 -12.56 -15.09 2.30
C GLU A 187 -11.22 -15.26 3.01
N CYS A 188 -10.45 -14.18 3.15
CA CYS A 188 -9.19 -14.27 3.85
C CYS A 188 -9.38 -14.27 5.36
N ILE A 189 -10.44 -13.65 5.87
CA ILE A 189 -10.81 -13.83 7.27
C ILE A 189 -11.20 -15.28 7.53
N GLU A 190 -11.99 -15.86 6.62
CA GLU A 190 -12.34 -17.27 6.76
C GLU A 190 -11.11 -18.16 6.70
N ASN A 191 -10.17 -17.85 5.82
CA ASN A 191 -8.98 -18.66 5.63
C ASN A 191 -7.88 -17.77 5.07
N PRO A 192 -6.90 -17.37 5.88
CA PRO A 192 -5.86 -16.46 5.37
C PRO A 192 -5.06 -17.04 4.23
N LYS A 193 -4.99 -18.35 4.09
CA LYS A 193 -4.34 -18.97 2.94
C LYS A 193 -5.19 -18.90 1.68
N ASN A 194 -6.35 -18.26 1.73
CA ASN A 194 -7.16 -17.99 0.55
C ASN A 194 -6.65 -16.78 -0.21
N LEU A 195 -5.35 -16.49 -0.11
CA LEU A 195 -4.81 -15.28 -0.72
C LEU A 195 -4.72 -15.46 -2.23
N ASN A 196 -5.44 -14.62 -2.96
CA ASN A 196 -5.62 -14.77 -4.40
C ASN A 196 -5.46 -13.40 -5.07
N LEU A 197 -5.50 -13.39 -6.40
CA LEU A 197 -5.55 -12.12 -7.11
C LEU A 197 -6.83 -11.34 -6.80
N ALA A 198 -7.95 -12.06 -6.63
CA ALA A 198 -9.23 -11.40 -6.32
C ALA A 198 -9.18 -10.66 -4.98
N THR A 199 -8.33 -11.13 -4.06
CA THR A 199 -8.09 -10.41 -2.81
C THR A 199 -7.71 -8.96 -3.08
N ASP A 200 -6.83 -8.74 -4.07
CA ASP A 200 -6.36 -7.39 -4.36
C ASP A 200 -7.46 -6.53 -4.97
N LYS A 201 -8.43 -7.13 -5.67
CA LYS A 201 -9.57 -6.35 -6.16
C LYS A 201 -10.43 -5.87 -4.99
N TRP A 202 -10.71 -6.76 -4.04
CA TRP A 202 -11.44 -6.32 -2.85
C TRP A 202 -10.71 -5.17 -2.15
N SER A 203 -9.42 -5.36 -1.87
CA SER A 203 -8.64 -4.36 -1.14
C SER A 203 -8.52 -3.06 -1.91
N PHE A 204 -8.49 -3.15 -3.23
CA PHE A 204 -8.52 -1.96 -4.07
C PHE A 204 -9.82 -1.21 -3.90
N GLY A 205 -10.94 -1.93 -3.79
CA GLY A 205 -12.19 -1.26 -3.49
C GLY A 205 -12.14 -0.51 -2.17
N THR A 206 -11.62 -1.15 -1.14
CA THR A 206 -11.50 -0.50 0.16
C THR A 206 -10.60 0.73 0.08
N THR A 207 -9.54 0.63 -0.70
CA THR A 207 -8.62 1.75 -0.86
C THR A 207 -9.30 2.90 -1.60
N LEU A 208 -10.11 2.59 -2.63
CA LEU A 208 -10.87 3.64 -3.27
C LEU A 208 -11.78 4.35 -2.29
N TRP A 209 -12.43 3.59 -1.41
CA TRP A 209 -13.25 4.20 -0.38
C TRP A 209 -12.41 5.17 0.47
N GLU A 210 -11.21 4.74 0.84
CA GLU A 210 -10.30 5.63 1.57
C GLU A 210 -10.03 6.90 0.77
N ILE A 211 -9.76 6.73 -0.53
CA ILE A 211 -9.38 7.87 -1.38
C ILE A 211 -10.55 8.84 -1.49
N CYS A 212 -11.77 8.32 -1.54
CA CYS A 212 -12.94 9.18 -1.65
C CYS A 212 -13.44 9.70 -0.31
N SER A 213 -12.87 9.23 0.80
CA SER A 213 -13.35 9.56 2.14
C SER A 213 -12.40 10.48 2.90
N GLY A 214 -11.53 11.21 2.20
CA GLY A 214 -10.65 12.16 2.87
C GLY A 214 -9.76 11.54 3.93
N GLY A 215 -9.35 10.29 3.74
CA GLY A 215 -8.49 9.64 4.69
C GLY A 215 -9.20 9.04 5.90
N ASP A 216 -10.53 8.98 5.90
CA ASP A 216 -11.21 8.27 6.96
C ASP A 216 -10.95 6.77 6.83
N LYS A 217 -11.00 6.08 7.96
CA LYS A 217 -10.79 4.65 7.97
C LYS A 217 -12.14 3.97 8.02
N PRO A 218 -12.51 3.19 7.02
CA PRO A 218 -13.83 2.55 7.04
C PRO A 218 -13.93 1.59 8.22
N LEU A 219 -15.11 1.59 8.86
CA LEU A 219 -15.45 0.72 9.97
C LEU A 219 -14.55 0.95 11.20
N SER A 220 -13.87 2.08 11.30
CA SER A 220 -12.97 2.30 12.42
C SER A 220 -13.71 2.35 13.75
N ALA A 221 -14.98 2.77 13.71
CA ALA A 221 -15.77 2.77 14.93
C ALA A 221 -16.11 1.38 15.42
N LEU A 222 -16.02 0.36 14.56
CA LEU A 222 -16.31 -1.01 14.95
C LEU A 222 -15.06 -1.69 15.51
N ASP A 223 -15.19 -2.34 16.66
CA ASP A 223 -14.12 -3.17 17.19
C ASP A 223 -14.04 -4.48 16.40
N SER A 224 -13.12 -5.35 16.79
CA SER A 224 -12.86 -6.56 16.00
C SER A 224 -14.12 -7.42 15.89
N GLN A 225 -14.84 -7.62 17.00
CA GLN A 225 -16.06 -8.41 16.96
C GLN A 225 -17.07 -7.83 15.98
N ARG A 226 -17.19 -6.50 15.96
CA ARG A 226 -18.18 -5.90 15.09
C ARG A 226 -17.75 -5.89 13.62
N LYS A 227 -16.45 -5.83 13.34
CA LYS A 227 -15.99 -5.98 11.96
C LYS A 227 -16.24 -7.39 11.44
N LEU A 228 -15.91 -8.39 12.26
CA LEU A 228 -16.30 -9.76 11.98
C LEU A 228 -17.78 -9.86 11.64
N GLN A 229 -18.63 -9.31 12.50
CA GLN A 229 -20.08 -9.39 12.28
C GLN A 229 -20.47 -8.67 10.99
N PHE A 230 -19.81 -7.56 10.69
CA PHE A 230 -20.02 -6.83 9.45
C PHE A 230 -19.83 -7.76 8.24
N TYR A 231 -18.76 -8.56 8.26
CA TYR A 231 -18.57 -9.53 7.17
C TYR A 231 -19.60 -10.65 7.24
N GLU A 232 -19.92 -11.11 8.45
CA GLU A 232 -20.89 -12.20 8.59
C GLU A 232 -22.27 -11.77 8.09
N ASP A 233 -22.61 -10.50 8.28
CA ASP A 233 -23.88 -9.97 7.81
C ASP A 233 -23.82 -9.49 6.36
N ARG A 234 -22.65 -9.61 5.72
CA ARG A 234 -22.49 -9.34 4.29
C ARG A 234 -22.82 -7.89 3.96
N HIS A 235 -22.41 -6.98 4.84
CA HIS A 235 -22.63 -5.56 4.60
C HIS A 235 -21.61 -5.03 3.59
N GLN A 236 -21.99 -3.94 2.95
CA GLN A 236 -21.09 -3.15 2.12
C GLN A 236 -20.76 -1.86 2.86
N LEU A 237 -19.67 -1.21 2.46
CA LEU A 237 -19.35 0.08 3.05
C LEU A 237 -20.38 1.12 2.60
N PRO A 238 -20.62 2.15 3.41
CA PRO A 238 -21.50 3.23 2.97
C PRO A 238 -20.86 3.99 1.82
N ALA A 239 -21.69 4.55 0.97
CA ALA A 239 -21.18 5.40 -0.09
C ALA A 239 -20.49 6.62 0.51
N PRO A 240 -19.32 7.00 0.03
CA PRO A 240 -18.73 8.27 0.48
C PRO A 240 -19.65 9.42 0.11
N LYS A 241 -19.55 10.50 0.89
CA LYS A 241 -20.34 11.71 0.59
C LYS A 241 -20.11 12.16 -0.84
N ALA A 242 -18.85 12.11 -1.31
CA ALA A 242 -18.53 12.29 -2.72
C ALA A 242 -18.61 10.91 -3.37
N ALA A 243 -19.81 10.54 -3.82
CA ALA A 243 -20.14 9.15 -4.11
C ALA A 243 -19.81 8.71 -5.53
N GLU A 244 -19.01 9.49 -6.28
CA GLU A 244 -18.81 9.23 -7.70
C GLU A 244 -18.14 7.88 -7.97
N LEU A 245 -17.48 7.29 -6.98
CA LEU A 245 -16.82 5.99 -7.16
C LEU A 245 -17.54 4.87 -6.44
N ALA A 246 -18.68 5.15 -5.82
CA ALA A 246 -19.31 4.20 -4.89
C ALA A 246 -19.65 2.88 -5.56
N ASN A 247 -20.19 2.92 -6.78
CA ASN A 247 -20.56 1.67 -7.46
C ASN A 247 -19.33 0.84 -7.76
N LEU A 248 -18.23 1.47 -8.19
CA LEU A 248 -17.00 0.74 -8.44
C LEU A 248 -16.45 0.13 -7.16
N ILE A 249 -16.46 0.92 -6.07
CA ILE A 249 -16.05 0.40 -4.77
C ILE A 249 -16.84 -0.86 -4.43
N ASN A 250 -18.16 -0.81 -4.59
CA ASN A 250 -19.00 -1.96 -4.24
C ASN A 250 -18.83 -3.13 -5.20
N ASN A 251 -18.60 -2.86 -6.48
CA ASN A 251 -18.37 -3.95 -7.43
C ASN A 251 -17.06 -4.65 -7.14
N CYS A 252 -16.05 -3.90 -6.66
CA CYS A 252 -14.77 -4.51 -6.28
C CYS A 252 -14.89 -5.28 -4.97
N MET A 253 -15.68 -4.76 -4.03
CA MET A 253 -15.88 -5.42 -2.74
C MET A 253 -17.04 -6.41 -2.83
N ASP A 254 -16.90 -7.33 -3.77
CA ASP A 254 -17.90 -8.37 -3.98
C ASP A 254 -17.56 -9.52 -3.05
N TYR A 255 -18.58 -10.00 -2.31
CA TYR A 255 -18.31 -11.13 -1.42
C TYR A 255 -17.99 -12.40 -2.19
N GLU A 256 -18.38 -12.50 -3.46
CA GLU A 256 -17.98 -13.60 -4.31
C GLU A 256 -16.68 -13.25 -5.01
N PRO A 257 -15.53 -13.83 -4.61
CA PRO A 257 -14.25 -13.42 -5.23
C PRO A 257 -14.20 -13.64 -6.73
N ASP A 258 -14.81 -14.72 -7.23
CA ASP A 258 -14.81 -14.98 -8.66
C ASP A 258 -15.56 -13.91 -9.44
N HIS A 259 -16.42 -13.13 -8.79
CA HIS A 259 -17.20 -12.12 -9.50
C HIS A 259 -16.55 -10.76 -9.47
N ARG A 260 -15.47 -10.58 -8.72
CA ARG A 260 -14.79 -9.30 -8.70
C ARG A 260 -14.23 -8.97 -10.07
N PRO A 261 -14.37 -7.74 -10.54
CA PRO A 261 -13.93 -7.40 -11.90
C PRO A 261 -12.42 -7.44 -12.08
N SER A 262 -12.00 -7.84 -13.27
CA SER A 262 -10.60 -7.74 -13.64
C SER A 262 -10.18 -6.27 -13.60
N PHE A 263 -8.87 -6.03 -13.45
CA PHE A 263 -8.41 -4.66 -13.40
C PHE A 263 -8.55 -3.94 -14.75
N ARG A 264 -8.61 -4.68 -15.86
CA ARG A 264 -8.94 -4.06 -17.14
C ARG A 264 -10.36 -3.48 -17.11
N ALA A 265 -11.33 -4.26 -16.63
CA ALA A 265 -12.69 -3.74 -16.53
C ALA A 265 -12.77 -2.60 -15.52
N ILE A 266 -12.04 -2.70 -14.41
CA ILE A 266 -11.98 -1.59 -13.46
C ILE A 266 -11.48 -0.32 -14.16
N ILE A 267 -10.42 -0.45 -14.96
CA ILE A 267 -9.83 0.71 -15.61
C ILE A 267 -10.78 1.27 -16.66
N ARG A 268 -11.51 0.41 -17.36
CA ARG A 268 -12.49 0.90 -18.33
C ARG A 268 -13.60 1.69 -17.63
N ASP A 269 -14.07 1.19 -16.48
CA ASP A 269 -15.01 1.98 -15.67
C ASP A 269 -14.44 3.34 -15.31
N LEU A 270 -13.24 3.35 -14.70
CA LEU A 270 -12.62 4.59 -14.28
C LEU A 270 -12.51 5.58 -15.44
N ASN A 271 -12.14 5.09 -16.63
CA ASN A 271 -12.11 5.96 -17.81
C ASN A 271 -13.50 6.44 -18.19
N SER A 272 -14.53 5.61 -17.97
CA SER A 272 -15.88 6.03 -18.32
C SER A 272 -16.35 7.16 -17.42
N LEU A 273 -15.85 7.21 -16.19
CA LEU A 273 -16.17 8.33 -15.30
C LEU A 273 -15.48 9.62 -15.76
#